data_4K19
#
_entry.id   4K19
#
_cell.length_a   114.200
_cell.length_b   114.200
_cell.length_c   119.300
_cell.angle_alpha   90.00
_cell.angle_beta   90.00
_cell.angle_gamma   90.00
#
_symmetry.space_group_name_H-M   'P 41 21 2'
#
loop_
_entity.id
_entity.type
_entity.pdbx_description
1 polymer 'Neutrophil gelatinase-associated lipocalin'
2 non-polymer 'FE (III) ION'
3 non-polymer GLYCEROL
4 non-polymer 'SULFATE ION'
5 non-polymer 'CHLORIDE ION'
6 non-polymer (4S,5R)-N,N-bis{3-[(2,3-dihydroxybenzoyl)amino]propyl}-2-(2,3-dihydroxyphenyl)-5-methyl-4,5-dihydro-1,3-oxazole-4-carboxamide
7 non-polymer 'SODIUM ION'
8 water water
#
_entity_poly.entity_id   1
_entity_poly.type   'polypeptide(L)'
_entity_poly.pdbx_seq_one_letter_code
;GSQDSTSDLIPAPPLSKVPLQQNFQDNQFQGKWYVVGLAGNAILREDKDPQKMYATIYELKEDKSYNVTSVLFRKKKCDY
WIRTFVPGSQPGEFTLGNIKSYPGLTSYLVRVVSTNYNQHAMVFFKKVSQNREYFKITLYGRTKELTSELKENFIRFSKS
LGLPENHIVFPVPIDQCIDG
;
_entity_poly.pdbx_strand_id   A,B,C
#
# COMPACT_ATOMS: atom_id res chain seq x y z
N SER A 7 7.07 6.17 32.79
CA SER A 7 5.96 5.40 33.42
C SER A 7 4.72 6.28 33.59
N ASP A 8 4.37 7.00 32.53
CA ASP A 8 3.06 7.62 32.39
C ASP A 8 2.48 7.12 31.08
N LEU A 9 1.24 6.63 31.12
CA LEU A 9 0.64 5.98 29.97
C LEU A 9 -0.64 6.67 29.49
N ILE A 10 -0.75 6.86 28.19
CA ILE A 10 -2.04 7.17 27.58
C ILE A 10 -2.95 6.00 27.94
N PRO A 11 -4.19 6.28 28.32
CA PRO A 11 -5.07 5.23 28.84
C PRO A 11 -5.65 4.33 27.75
N ALA A 12 -5.73 3.04 28.03
CA ALA A 12 -6.38 2.11 27.12
C ALA A 12 -7.75 2.63 26.76
N PRO A 13 -8.12 2.56 25.47
CA PRO A 13 -9.45 3.00 25.10
C PRO A 13 -10.51 2.01 25.59
N PRO A 14 -11.76 2.46 25.69
CA PRO A 14 -12.82 1.51 25.99
C PRO A 14 -13.02 0.57 24.79
N LEU A 15 -13.39 -0.67 25.07
CA LEU A 15 -13.53 -1.68 24.03
C LEU A 15 -14.54 -1.28 22.94
N SER A 16 -15.47 -0.39 23.28
CA SER A 16 -16.50 0.03 22.31
C SER A 16 -15.90 0.83 21.15
N LYS A 17 -14.69 1.35 21.34
CA LYS A 17 -14.00 2.11 20.29
C LYS A 17 -13.10 1.21 19.44
N VAL A 18 -13.23 -0.10 19.62
CA VAL A 18 -12.38 -1.08 18.94
C VAL A 18 -13.27 -2.07 18.23
N PRO A 19 -13.45 -1.91 16.91
CA PRO A 19 -14.33 -2.81 16.19
C PRO A 19 -13.85 -4.24 16.27
N LEU A 20 -14.72 -5.17 15.87
CA LEU A 20 -14.44 -6.59 15.86
C LEU A 20 -14.78 -7.12 14.47
N GLN A 21 -13.82 -7.79 13.82
CA GLN A 21 -14.04 -8.30 12.46
C GLN A 21 -15.25 -9.21 12.44
N GLN A 22 -16.16 -8.98 11.50
CA GLN A 22 -17.37 -9.78 11.42
C GLN A 22 -17.04 -11.18 10.87
N ASN A 23 -17.79 -12.16 11.34
CA ASN A 23 -17.66 -13.51 10.80
C ASN A 23 -16.19 -13.87 10.73
N PHE A 24 -15.57 -14.08 11.88
CA PHE A 24 -14.14 -14.32 11.91
C PHE A 24 -13.83 -15.75 11.50
N GLN A 25 -13.05 -15.88 10.43
CA GLN A 25 -12.61 -17.18 9.95
C GLN A 25 -11.23 -17.49 10.54
N ASP A 26 -11.22 -18.23 11.64
CA ASP A 26 -9.97 -18.54 12.32
C ASP A 26 -9.03 -19.38 11.45
N ASN A 27 -9.59 -20.19 10.57
CA ASN A 27 -8.75 -21.03 9.70
C ASN A 27 -8.00 -20.16 8.70
N GLN A 28 -8.66 -19.11 8.21
CA GLN A 28 -8.08 -18.25 7.18
C GLN A 28 -7.07 -17.24 7.74
N PHE A 29 -7.09 -17.03 9.05
CA PHE A 29 -6.18 -16.10 9.70
C PHE A 29 -4.84 -16.74 10.05
N GLN A 30 -4.75 -18.06 9.88
CA GLN A 30 -3.51 -18.79 10.11
C GLN A 30 -2.38 -18.33 9.19
N GLY A 31 -1.15 -18.63 9.62
CA GLY A 31 0.04 -18.35 8.81
C GLY A 31 0.87 -17.16 9.27
N LYS A 32 1.85 -16.80 8.46
CA LYS A 32 2.76 -15.73 8.81
C LYS A 32 2.16 -14.38 8.44
N TRP A 33 2.26 -13.45 9.37
CA TRP A 33 1.91 -12.06 9.13
C TRP A 33 3.12 -11.20 9.46
N TYR A 34 3.30 -10.12 8.70
CA TYR A 34 4.36 -9.19 8.96
C TYR A 34 3.83 -7.97 9.73
N VAL A 35 4.44 -7.67 10.86
CA VAL A 35 4.15 -6.42 11.53
C VAL A 35 4.61 -5.27 10.65
N VAL A 36 3.70 -4.77 9.82
CA VAL A 36 3.96 -3.65 8.94
C VAL A 36 3.84 -2.31 9.68
N GLY A 37 3.02 -2.30 10.74
CA GLY A 37 2.78 -1.08 11.50
C GLY A 37 2.52 -1.37 12.96
N LEU A 38 3.09 -0.55 13.83
CA LEU A 38 3.00 -0.77 15.27
C LEU A 38 2.53 0.51 15.98
N ALA A 39 1.57 0.37 16.89
CA ALA A 39 1.01 1.51 17.60
C ALA A 39 0.55 1.13 19.00
N GLY A 40 0.85 1.97 19.99
CA GLY A 40 0.40 1.68 21.34
C GLY A 40 0.97 2.62 22.37
N ASN A 41 0.45 2.54 23.60
CA ASN A 41 0.82 3.49 24.64
C ASN A 41 2.20 3.23 25.25
N ALA A 42 2.81 2.09 24.94
CA ALA A 42 4.19 1.85 25.33
C ALA A 42 5.16 1.79 24.13
N ILE A 43 4.67 2.14 22.94
CA ILE A 43 5.51 2.14 21.75
C ILE A 43 5.98 3.56 21.42
N LEU A 44 7.28 3.71 21.23
CA LEU A 44 7.87 5.02 20.96
C LEU A 44 8.79 4.98 19.75
N ARG A 45 8.57 5.89 18.79
CA ARG A 45 9.50 6.08 17.67
C ARG A 45 10.90 6.43 18.16
N GLU A 46 11.91 5.76 17.60
CA GLU A 46 13.30 5.96 18.02
C GLU A 46 14.22 6.02 16.81
N ASP A 47 14.44 7.23 16.30
CA ASP A 47 15.22 7.45 15.08
C ASP A 47 16.69 7.10 15.27
N LYS A 48 17.13 7.04 16.52
CA LYS A 48 18.45 6.52 16.84
C LYS A 48 18.54 5.04 16.47
N ASP A 49 17.67 4.22 17.05
CA ASP A 49 17.66 2.77 16.84
C ASP A 49 16.30 2.30 16.32
N PRO A 50 16.01 2.58 15.03
CA PRO A 50 14.67 2.32 14.47
C PRO A 50 14.25 0.85 14.57
N GLN A 51 12.96 0.64 14.79
CA GLN A 51 12.41 -0.70 15.01
C GLN A 51 12.49 -1.55 13.75
N LYS A 52 13.09 -2.74 13.88
CA LYS A 52 13.16 -3.67 12.76
C LYS A 52 11.88 -4.49 12.69
N MET A 53 11.43 -4.76 11.47
CA MET A 53 10.22 -5.52 11.25
C MET A 53 10.38 -6.90 11.88
N TYR A 54 9.26 -7.50 12.24
CA TYR A 54 9.25 -8.86 12.72
C TYR A 54 7.97 -9.53 12.24
N ALA A 55 7.88 -10.83 12.45
CA ALA A 55 6.81 -11.62 11.89
C ALA A 55 6.15 -12.38 13.03
N THR A 56 4.85 -12.61 12.91
CA THR A 56 4.11 -13.35 13.91
C THR A 56 3.32 -14.44 13.21
N ILE A 57 3.60 -15.69 13.58
CA ILE A 57 2.96 -16.84 12.97
C ILE A 57 1.83 -17.33 13.86
N TYR A 58 0.63 -17.43 13.29
CA TYR A 58 -0.54 -18.00 13.98
C TYR A 58 -0.86 -19.41 13.46
N GLU A 59 -0.91 -20.38 14.38
CA GLU A 59 -1.27 -21.76 14.03
C GLU A 59 -2.42 -22.27 14.88
N LEU A 60 -3.56 -22.57 14.27
CA LEU A 60 -4.65 -23.24 14.97
C LEU A 60 -4.25 -24.64 15.39
N LYS A 61 -4.43 -24.95 16.66
CA LYS A 61 -4.25 -26.32 17.14
C LYS A 61 -5.56 -27.09 16.96
N GLU A 62 -5.61 -28.34 17.38
CA GLU A 62 -6.84 -29.11 17.28
C GLU A 62 -7.95 -28.40 18.04
N ASP A 63 -7.64 -27.93 19.24
CA ASP A 63 -8.64 -27.32 20.12
C ASP A 63 -8.99 -25.87 19.72
N LYS A 64 -8.57 -25.47 18.52
CA LYS A 64 -8.85 -24.13 17.99
C LYS A 64 -8.23 -22.98 18.79
N SER A 65 -7.27 -23.29 19.65
CA SER A 65 -6.40 -22.27 20.22
C SER A 65 -5.31 -21.98 19.21
N TYR A 66 -4.85 -20.74 19.19
CA TYR A 66 -3.70 -20.37 18.37
C TYR A 66 -2.42 -20.56 19.17
N ASN A 67 -1.47 -21.28 18.58
CA ASN A 67 -0.09 -21.18 19.03
C ASN A 67 0.51 -20.00 18.29
N VAL A 68 0.86 -18.93 19.00
CA VAL A 68 1.35 -17.72 18.36
C VAL A 68 2.85 -17.55 18.64
N THR A 69 3.64 -17.50 17.57
CA THR A 69 5.09 -17.39 17.65
C THR A 69 5.56 -16.14 16.93
N SER A 70 6.21 -15.22 17.64
CA SER A 70 6.78 -14.05 16.97
C SER A 70 8.29 -14.24 16.82
N VAL A 71 8.81 -13.87 15.66
CA VAL A 71 10.21 -14.07 15.35
C VAL A 71 10.83 -12.71 15.07
N LEU A 72 11.84 -12.36 15.85
CA LEU A 72 12.43 -11.03 15.82
C LEU A 72 13.94 -11.11 15.62
N PHE A 73 14.48 -10.27 14.75
CA PHE A 73 15.93 -10.14 14.59
C PHE A 73 16.52 -9.23 15.66
N ARG A 74 17.29 -9.80 16.58
CA ARG A 74 17.79 -9.05 17.73
C ARG A 74 19.18 -9.51 18.16
N LYS A 75 20.12 -8.56 18.26
CA LYS A 75 21.51 -8.87 18.65
C LYS A 75 22.13 -9.92 17.74
N LYS A 76 21.88 -9.77 16.44
CA LYS A 76 22.44 -10.64 15.41
C LYS A 76 21.81 -12.03 15.35
N LYS A 77 20.86 -12.31 16.24
CA LYS A 77 20.18 -13.60 16.27
C LYS A 77 18.65 -13.50 16.08
N CYS A 78 18.02 -14.67 15.93
CA CYS A 78 16.58 -14.77 15.85
C CYS A 78 16.03 -15.14 17.21
N ASP A 79 15.10 -14.34 17.71
CA ASP A 79 14.52 -14.60 19.02
C ASP A 79 13.06 -14.99 18.83
N TYR A 80 12.61 -15.96 19.62
CA TYR A 80 11.29 -16.52 19.42
C TYR A 80 10.42 -16.26 20.66
N TRP A 81 9.36 -15.48 20.48
CA TRP A 81 8.39 -15.22 21.54
C TRP A 81 7.12 -16.06 21.31
N ILE A 82 6.93 -17.08 22.16
CA ILE A 82 5.85 -18.05 22.00
C ILE A 82 4.79 -17.92 23.10
N ARG A 83 3.53 -17.95 22.71
CA ARG A 83 2.44 -17.89 23.65
C ARG A 83 1.18 -18.38 22.96
N THR A 84 0.14 -18.64 23.74
CA THR A 84 -1.10 -19.21 23.21
C THR A 84 -2.25 -18.22 23.30
N PHE A 85 -2.99 -18.09 22.21
CA PHE A 85 -4.21 -17.32 22.21
C PHE A 85 -5.39 -18.28 22.35
N VAL A 86 -6.16 -18.09 23.43
CA VAL A 86 -7.34 -18.90 23.69
C VAL A 86 -8.58 -18.15 23.18
N PRO A 87 -9.41 -18.83 22.38
CA PRO A 87 -10.63 -18.20 21.87
C PRO A 87 -11.45 -17.62 23.01
N GLY A 88 -11.93 -16.39 22.82
CA GLY A 88 -12.61 -15.68 23.89
C GLY A 88 -14.11 -15.57 23.69
N SER A 89 -14.66 -14.45 24.14
CA SER A 89 -16.10 -14.24 24.23
C SER A 89 -16.82 -14.38 22.90
N GLN A 90 -16.19 -13.90 21.84
CA GLN A 90 -16.78 -13.97 20.51
C GLN A 90 -15.68 -14.10 19.47
N PRO A 91 -16.00 -14.72 18.32
CA PRO A 91 -14.97 -14.99 17.31
C PRO A 91 -14.21 -13.73 16.92
N GLY A 92 -12.88 -13.83 16.92
CA GLY A 92 -12.01 -12.70 16.60
C GLY A 92 -11.40 -12.14 17.86
N GLU A 93 -11.97 -12.52 19.00
CA GLU A 93 -11.52 -12.07 20.30
C GLU A 93 -10.84 -13.23 21.00
N PHE A 94 -9.72 -12.96 21.67
CA PHE A 94 -8.99 -14.02 22.37
C PHE A 94 -8.46 -13.54 23.72
N THR A 95 -8.08 -14.51 24.56
CA THR A 95 -7.28 -14.22 25.75
C THR A 95 -6.06 -15.13 25.76
N LEU A 96 -5.21 -14.94 26.76
CA LEU A 96 -3.90 -15.58 26.79
C LEU A 96 -3.91 -16.81 27.68
N GLY A 97 -3.45 -17.94 27.16
CA GLY A 97 -3.31 -19.16 27.95
C GLY A 97 -2.06 -19.15 28.83
N ASN A 98 -2.12 -19.88 29.94
CA ASN A 98 -1.06 -19.96 30.94
C ASN A 98 -0.53 -18.59 31.38
N ILE A 99 -1.46 -17.71 31.75
CA ILE A 99 -1.15 -16.39 32.23
C ILE A 99 -0.25 -16.44 33.48
N LYS A 100 -0.38 -17.54 34.23
CA LYS A 100 0.41 -17.79 35.43
C LYS A 100 1.92 -17.76 35.20
N SER A 101 2.35 -18.17 34.01
CA SER A 101 3.77 -18.24 33.67
C SER A 101 4.36 -16.87 33.32
N TYR A 102 3.57 -15.81 33.43
CA TYR A 102 4.06 -14.47 33.14
C TYR A 102 3.97 -13.58 34.40
N PRO A 103 5.11 -13.30 35.03
CA PRO A 103 5.12 -12.56 36.29
C PRO A 103 4.50 -11.16 36.19
N GLY A 104 3.48 -10.91 37.02
CA GLY A 104 2.86 -9.60 37.09
C GLY A 104 1.66 -9.45 36.17
N LEU A 105 1.48 -10.43 35.29
CA LEU A 105 0.42 -10.36 34.31
C LEU A 105 -0.88 -10.81 34.97
N THR A 106 -1.92 -10.00 34.81
CA THR A 106 -3.22 -10.29 35.41
C THR A 106 -4.34 -10.34 34.35
N SER A 107 -4.09 -9.77 33.19
CA SER A 107 -5.07 -9.76 32.12
C SER A 107 -4.45 -9.58 30.73
N TYR A 108 -5.08 -10.17 29.72
CA TYR A 108 -4.62 -10.06 28.35
C TYR A 108 -5.78 -10.28 27.39
N LEU A 109 -5.97 -9.33 26.47
CA LEU A 109 -7.04 -9.37 25.49
C LEU A 109 -6.53 -9.16 24.07
N VAL A 110 -7.10 -9.91 23.14
CA VAL A 110 -6.84 -9.71 21.72
C VAL A 110 -8.18 -9.55 21.00
N ARG A 111 -8.25 -8.56 20.11
CA ARG A 111 -9.42 -8.41 19.25
C ARG A 111 -8.98 -8.09 17.83
N VAL A 112 -9.25 -9.02 16.90
CA VAL A 112 -8.98 -8.78 15.50
C VAL A 112 -9.93 -7.71 15.00
N VAL A 113 -9.41 -6.50 14.77
CA VAL A 113 -10.26 -5.37 14.39
C VAL A 113 -10.79 -5.50 12.97
N SER A 114 -9.90 -5.79 12.04
CA SER A 114 -10.28 -6.10 10.66
C SER A 114 -9.21 -6.95 9.98
N THR A 115 -9.64 -7.83 9.08
CA THR A 115 -8.75 -8.44 8.12
C THR A 115 -9.48 -8.84 6.86
N ASN A 116 -8.73 -8.99 5.77
CA ASN A 116 -9.22 -9.69 4.59
C ASN A 116 -8.41 -10.96 4.37
N TYR A 117 -7.65 -11.34 5.39
CA TYR A 117 -7.01 -12.66 5.49
C TYR A 117 -5.79 -12.87 4.60
N ASN A 118 -5.85 -12.40 3.35
CA ASN A 118 -4.79 -12.69 2.38
C ASN A 118 -3.93 -11.51 1.94
N GLN A 119 -4.11 -10.35 2.58
CA GLN A 119 -3.13 -9.28 2.43
C GLN A 119 -2.92 -8.47 3.71
N HIS A 120 -4.00 -8.11 4.41
CA HIS A 120 -3.87 -7.23 5.58
C HIS A 120 -4.75 -7.62 6.78
N ALA A 121 -4.36 -7.11 7.95
CA ALA A 121 -5.14 -7.29 9.17
C ALA A 121 -4.76 -6.24 10.20
N MET A 122 -5.75 -5.86 11.03
CA MET A 122 -5.50 -5.01 12.19
C MET A 122 -5.96 -5.75 13.44
N VAL A 123 -5.05 -5.86 14.39
CA VAL A 123 -5.30 -6.55 15.64
C VAL A 123 -5.01 -5.61 16.80
N PHE A 124 -5.89 -5.64 17.80
CA PHE A 124 -5.77 -4.81 18.98
C PHE A 124 -5.42 -5.68 20.19
N PHE A 125 -4.43 -5.26 20.96
CA PHE A 125 -4.03 -6.01 22.16
C PHE A 125 -4.14 -5.12 23.41
N LYS A 126 -4.60 -5.70 24.51
CA LYS A 126 -4.73 -4.99 25.77
C LYS A 126 -4.28 -5.89 26.90
N LYS A 127 -3.24 -5.49 27.62
CA LYS A 127 -2.73 -6.29 28.72
C LYS A 127 -2.59 -5.49 30.01
N VAL A 128 -2.84 -6.13 31.14
CA VAL A 128 -2.55 -5.50 32.43
C VAL A 128 -1.43 -6.28 33.11
N SER A 129 -0.24 -5.68 33.12
CA SER A 129 0.93 -6.28 33.73
C SER A 129 1.43 -5.31 34.78
N GLN A 130 1.75 -5.84 35.96
CA GLN A 130 2.28 -5.03 37.04
C GLN A 130 1.33 -3.89 37.38
N ASN A 131 0.04 -4.14 37.19
CA ASN A 131 -1.03 -3.16 37.46
C ASN A 131 -1.15 -2.02 36.44
N ARG A 132 -0.16 -1.90 35.55
CA ARG A 132 -0.24 -0.94 34.46
C ARG A 132 -1.01 -1.49 33.27
N GLU A 133 -1.83 -0.66 32.64
CA GLU A 133 -2.64 -1.08 31.49
C GLU A 133 -1.96 -0.66 30.19
N TYR A 134 -1.53 -1.65 29.41
CA TYR A 134 -0.91 -1.41 28.11
C TYR A 134 -1.82 -1.82 26.97
N PHE A 135 -1.82 -1.06 25.89
CA PHE A 135 -2.50 -1.49 24.68
C PHE A 135 -1.66 -1.21 23.45
N LYS A 136 -1.85 -2.04 22.42
CA LYS A 136 -1.22 -1.78 21.14
C LYS A 136 -2.08 -2.26 19.99
N ILE A 137 -1.93 -1.62 18.84
CA ILE A 137 -2.57 -2.06 17.61
C ILE A 137 -1.47 -2.43 16.64
N THR A 138 -1.61 -3.56 15.97
CA THR A 138 -0.62 -3.95 14.97
C THR A 138 -1.28 -4.02 13.61
N LEU A 139 -0.63 -3.40 12.61
CA LEU A 139 -1.05 -3.57 11.23
C LEU A 139 -0.27 -4.74 10.67
N TYR A 140 -0.97 -5.81 10.33
CA TYR A 140 -0.37 -7.03 9.86
C TYR A 140 -0.45 -7.02 8.33
N GLY A 141 0.64 -7.41 7.68
CA GLY A 141 0.67 -7.56 6.22
C GLY A 141 1.12 -8.95 5.85
N ARG A 142 0.47 -9.57 4.87
CA ARG A 142 0.93 -10.88 4.40
C ARG A 142 2.24 -10.70 3.63
N THR A 143 2.41 -9.52 3.04
CA THR A 143 3.70 -9.09 2.52
C THR A 143 4.34 -8.05 3.45
N LYS A 144 5.56 -7.63 3.14
CA LYS A 144 6.27 -6.65 3.97
C LYS A 144 5.89 -5.21 3.66
N GLU A 145 5.07 -5.01 2.65
CA GLU A 145 4.67 -3.66 2.24
C GLU A 145 3.18 -3.61 2.00
N LEU A 146 2.55 -2.53 2.47
CA LEU A 146 1.13 -2.31 2.22
C LEU A 146 0.91 -0.95 1.58
N THR A 147 -0.26 -0.77 0.96
CA THR A 147 -0.57 0.48 0.27
C THR A 147 -0.56 1.62 1.25
N SER A 148 -0.33 2.83 0.76
CA SER A 148 -0.41 4.01 1.61
C SER A 148 -1.81 4.20 2.17
N GLU A 149 -2.81 3.72 1.45
CA GLU A 149 -4.18 3.81 1.93
C GLU A 149 -4.31 3.05 3.25
N LEU A 150 -3.84 1.81 3.26
CA LEU A 150 -3.99 0.96 4.45
C LEU A 150 -3.16 1.45 5.63
N LYS A 151 -2.04 2.10 5.34
CA LYS A 151 -1.21 2.66 6.39
C LYS A 151 -1.89 3.89 6.99
N GLU A 152 -2.41 4.77 6.14
CA GLU A 152 -3.13 5.93 6.66
C GLU A 152 -4.34 5.49 7.47
N ASN A 153 -5.00 4.41 7.04
CA ASN A 153 -6.10 3.85 7.82
C ASN A 153 -5.62 3.35 9.20
N PHE A 154 -4.42 2.77 9.25
CA PHE A 154 -3.81 2.37 10.49
C PHE A 154 -3.52 3.59 11.37
N ILE A 155 -2.92 4.62 10.79
CA ILE A 155 -2.65 5.86 11.51
C ILE A 155 -3.95 6.46 12.04
N ARG A 156 -4.95 6.57 11.18
CA ARG A 156 -6.23 7.16 11.54
C ARG A 156 -6.80 6.44 12.76
N PHE A 157 -6.87 5.12 12.67
CA PHE A 157 -7.52 4.30 13.70
C PHE A 157 -6.75 4.35 15.03
N SER A 158 -5.43 4.30 14.95
CA SER A 158 -4.57 4.48 16.11
C SER A 158 -4.92 5.77 16.82
N LYS A 159 -5.07 6.84 16.05
CA LYS A 159 -5.37 8.17 16.61
C LYS A 159 -6.78 8.22 17.21
N SER A 160 -7.72 7.48 16.64
CA SER A 160 -9.08 7.47 17.16
C SER A 160 -9.09 6.88 18.57
N LEU A 161 -8.01 6.17 18.92
CA LEU A 161 -7.86 5.56 20.24
C LEU A 161 -6.89 6.34 21.15
N GLY A 162 -6.50 7.53 20.72
CA GLY A 162 -5.77 8.45 21.60
C GLY A 162 -4.28 8.53 21.37
N LEU A 163 -3.77 7.75 20.41
CA LEU A 163 -2.33 7.69 20.22
C LEU A 163 -1.84 8.84 19.33
N PRO A 164 -0.85 9.61 19.82
CA PRO A 164 -0.20 10.61 18.97
C PRO A 164 0.71 9.95 17.94
N GLU A 165 1.44 10.76 17.17
CA GLU A 165 2.19 10.26 16.02
C GLU A 165 3.50 9.60 16.42
N ASN A 166 4.12 10.11 17.47
CA ASN A 166 5.36 9.53 17.98
C ASN A 166 5.09 8.20 18.67
N HIS A 167 3.82 7.81 18.74
CA HIS A 167 3.47 6.50 19.26
C HIS A 167 3.01 5.55 18.15
N ILE A 168 3.22 5.95 16.90
CA ILE A 168 2.86 5.12 15.76
C ILE A 168 4.11 4.84 14.95
N VAL A 169 4.37 3.56 14.69
CA VAL A 169 5.64 3.13 14.09
C VAL A 169 5.42 2.19 12.91
N PHE A 170 6.21 2.40 11.87
CA PHE A 170 6.23 1.48 10.74
C PHE A 170 7.60 0.85 10.69
N PRO A 171 7.71 -0.40 11.18
CA PRO A 171 9.01 -1.05 11.24
C PRO A 171 9.65 -1.20 9.88
N VAL A 172 10.98 -1.05 9.82
CA VAL A 172 11.71 -1.12 8.57
C VAL A 172 11.83 -2.58 8.16
N PRO A 173 11.47 -2.91 6.92
CA PRO A 173 11.63 -4.26 6.36
C PRO A 173 13.05 -4.83 6.47
N ILE A 174 13.15 -6.08 6.90
CA ILE A 174 14.42 -6.79 6.92
C ILE A 174 14.22 -8.19 6.35
N ASP A 175 15.32 -8.87 6.06
CA ASP A 175 15.27 -10.21 5.47
C ASP A 175 15.64 -11.32 6.44
N GLN A 176 16.51 -11.02 7.39
CA GLN A 176 16.98 -12.05 8.31
C GLN A 176 15.87 -12.46 9.26
N CYS A 177 15.88 -13.74 9.64
CA CYS A 177 14.92 -14.33 10.58
C CYS A 177 13.49 -14.45 10.07
N ILE A 178 12.93 -13.38 9.52
CA ILE A 178 11.49 -13.32 9.26
C ILE A 178 11.07 -13.78 7.87
N ASP A 179 12.07 -14.05 7.03
CA ASP A 179 11.87 -14.86 5.84
C ASP A 179 12.08 -16.31 6.25
N GLY A 180 11.22 -17.20 5.74
CA GLY A 180 11.21 -18.59 6.19
C GLY A 180 9.83 -19.05 6.61
N SER B 7 18.83 32.57 16.97
CA SER B 7 17.60 32.12 16.26
C SER B 7 17.82 30.78 15.56
N ASP B 8 16.73 30.02 15.39
CA ASP B 8 16.79 28.72 14.74
C ASP B 8 15.59 28.50 13.81
N LEU B 9 15.78 27.72 12.76
CA LEU B 9 14.72 27.50 11.76
C LEU B 9 15.00 26.30 10.85
N ILE B 10 13.95 25.54 10.54
CA ILE B 10 14.04 24.36 9.68
C ILE B 10 14.43 24.75 8.25
N PRO B 11 15.46 24.10 7.69
CA PRO B 11 15.94 24.50 6.37
C PRO B 11 14.86 24.39 5.29
N ALA B 12 14.98 25.24 4.28
CA ALA B 12 14.09 25.21 3.13
C ALA B 12 14.55 24.12 2.16
N PRO B 13 13.61 23.49 1.47
CA PRO B 13 13.95 22.40 0.57
C PRO B 13 14.51 22.91 -0.74
N PRO B 14 15.25 22.06 -1.46
CA PRO B 14 15.62 22.42 -2.83
C PRO B 14 14.40 22.51 -3.73
N LEU B 15 14.43 23.44 -4.68
CA LEU B 15 13.36 23.57 -5.66
C LEU B 15 13.14 22.25 -6.40
N SER B 16 14.21 21.44 -6.48
CA SER B 16 14.15 20.12 -7.09
C SER B 16 13.29 19.13 -6.31
N LYS B 17 13.21 19.30 -5.00
CA LYS B 17 12.34 18.46 -4.16
C LYS B 17 10.87 18.91 -4.26
N VAL B 18 10.63 20.02 -4.94
CA VAL B 18 9.28 20.55 -5.13
C VAL B 18 8.89 20.55 -6.60
N PRO B 19 7.90 19.70 -6.96
CA PRO B 19 7.50 19.57 -8.36
C PRO B 19 6.60 20.72 -8.85
N LEU B 20 6.54 20.87 -10.17
CA LEU B 20 5.74 21.92 -10.79
C LEU B 20 4.68 21.31 -11.71
N GLN B 21 3.42 21.69 -11.47
CA GLN B 21 2.32 21.29 -12.33
C GLN B 21 2.69 21.49 -13.79
N GLN B 22 2.70 20.40 -14.57
CA GLN B 22 3.04 20.49 -15.99
C GLN B 22 1.85 20.98 -16.81
N ASN B 23 2.13 21.80 -17.82
CA ASN B 23 1.09 22.45 -18.61
C ASN B 23 0.07 23.18 -17.72
N PHE B 24 0.54 24.22 -17.04
CA PHE B 24 -0.31 25.03 -16.17
C PHE B 24 -1.31 25.84 -16.99
N GLN B 25 -2.46 26.12 -16.40
CA GLN B 25 -3.53 26.86 -17.08
C GLN B 25 -3.98 28.04 -16.23
N ASP B 26 -3.49 29.24 -16.58
CA ASP B 26 -3.74 30.44 -15.78
C ASP B 26 -5.21 30.86 -15.78
N ASN B 27 -5.86 30.71 -16.93
CA ASN B 27 -7.30 31.00 -17.04
C ASN B 27 -8.13 30.04 -16.21
N GLN B 28 -7.66 28.80 -16.10
CA GLN B 28 -8.30 27.79 -15.27
C GLN B 28 -8.10 28.05 -13.77
N PHE B 29 -6.93 28.57 -13.42
CA PHE B 29 -6.50 28.63 -12.03
C PHE B 29 -7.05 29.84 -11.27
N GLN B 30 -7.34 30.91 -11.99
CA GLN B 30 -7.82 32.15 -11.36
C GLN B 30 -9.13 31.93 -10.60
N GLY B 31 -9.54 32.95 -9.85
CA GLY B 31 -10.76 32.88 -9.06
C GLY B 31 -10.47 32.98 -7.57
N LYS B 32 -11.29 32.30 -6.77
CA LYS B 32 -11.16 32.32 -5.32
C LYS B 32 -10.86 30.93 -4.79
N TRP B 33 -9.96 30.88 -3.81
CA TRP B 33 -9.54 29.64 -3.19
C TRP B 33 -9.62 29.73 -1.66
N TYR B 34 -10.14 28.68 -1.03
CA TYR B 34 -10.14 28.59 0.42
C TYR B 34 -8.86 27.89 0.89
N VAL B 35 -8.29 28.38 1.99
CA VAL B 35 -7.06 27.82 2.52
C VAL B 35 -7.38 26.66 3.47
N VAL B 36 -7.24 25.44 2.95
CA VAL B 36 -7.60 24.22 3.66
C VAL B 36 -6.37 23.55 4.26
N GLY B 37 -5.19 24.00 3.83
CA GLY B 37 -3.92 23.49 4.35
C GLY B 37 -2.91 24.61 4.52
N LEU B 38 -2.17 24.57 5.61
CA LEU B 38 -1.18 25.60 5.92
C LEU B 38 -0.02 25.00 6.73
N ALA B 39 0.99 24.51 6.03
CA ALA B 39 2.13 23.86 6.66
C ALA B 39 3.32 24.81 6.73
N ASN B 41 7.22 25.77 8.20
CA ASN B 41 8.53 26.31 8.59
C ASN B 41 8.40 27.40 9.66
N ALA B 42 7.72 28.48 9.31
CA ALA B 42 7.37 29.52 10.27
C ALA B 42 5.94 29.30 10.78
N ILE B 43 5.21 28.39 10.14
CA ILE B 43 3.87 28.02 10.57
C ILE B 43 3.93 27.14 11.81
N LEU B 44 3.10 27.47 12.80
CA LEU B 44 3.08 26.78 14.09
C LEU B 44 1.67 26.34 14.45
N ARG B 45 1.49 25.04 14.69
CA ARG B 45 0.19 24.50 15.10
C ARG B 45 -0.12 24.91 16.54
N GLU B 46 -1.37 25.31 16.77
CA GLU B 46 -1.78 25.81 18.08
C GLU B 46 -3.27 25.61 18.32
N ASP B 47 -3.60 25.15 19.52
CA ASP B 47 -4.99 24.98 19.94
C ASP B 47 -5.35 25.97 21.03
N LYS B 48 -4.83 27.19 20.93
CA LYS B 48 -5.07 28.23 21.91
C LYS B 48 -4.97 29.61 21.28
N PRO B 50 -6.30 29.22 17.88
CA PRO B 50 -6.51 28.45 16.66
C PRO B 50 -6.59 29.32 15.40
N GLN B 51 -6.50 28.68 14.24
CA GLN B 51 -6.42 29.40 12.96
C GLN B 51 -7.75 29.37 12.20
N LYS B 52 -8.38 30.53 12.11
CA LYS B 52 -9.64 30.69 11.36
C LYS B 52 -9.36 30.71 9.86
N MET B 53 -10.21 30.04 9.09
CA MET B 53 -9.99 29.86 7.66
C MET B 53 -10.15 31.18 6.91
N TYR B 54 -9.25 31.42 5.96
CA TYR B 54 -9.33 32.57 5.08
C TYR B 54 -9.24 32.09 3.62
N ALA B 55 -9.50 33.00 2.69
CA ALA B 55 -9.45 32.66 1.27
C ALA B 55 -8.51 33.61 0.52
N THR B 56 -8.06 33.18 -0.65
CA THR B 56 -7.19 33.98 -1.49
C THR B 56 -7.80 34.09 -2.89
N ILE B 57 -7.88 35.32 -3.39
CA ILE B 57 -8.52 35.60 -4.68
C ILE B 57 -7.44 35.91 -5.71
N TYR B 58 -7.28 35.01 -6.67
CA TYR B 58 -6.36 35.20 -7.78
C TYR B 58 -7.12 35.74 -8.98
N GLU B 59 -7.27 37.07 -9.05
CA GLU B 59 -7.86 37.68 -10.23
C GLU B 59 -6.79 37.89 -11.29
N LEU B 60 -7.00 37.30 -12.46
CA LEU B 60 -6.02 37.35 -13.54
C LEU B 60 -5.96 38.73 -14.18
N ASP B 63 -2.98 43.05 -18.02
CA ASP B 63 -1.84 42.13 -17.92
C ASP B 63 -2.28 40.68 -18.08
N LYS B 64 -1.35 39.77 -17.85
CA LYS B 64 -1.65 38.35 -17.68
C LYS B 64 -1.12 37.86 -16.33
N SER B 65 -0.96 38.81 -15.41
CA SER B 65 -0.44 38.52 -14.08
C SER B 65 -1.57 38.14 -13.14
N TYR B 66 -1.22 37.88 -11.88
CA TYR B 66 -2.21 37.59 -10.83
C TYR B 66 -2.22 38.69 -9.77
N ASN B 67 -3.37 39.36 -9.63
CA ASN B 67 -3.59 40.21 -8.47
C ASN B 67 -4.11 39.34 -7.34
N VAL B 68 -3.44 39.38 -6.20
CA VAL B 68 -3.72 38.45 -5.11
C VAL B 68 -4.15 39.21 -3.87
N THR B 69 -5.45 39.16 -3.59
CA THR B 69 -5.99 39.74 -2.36
C THR B 69 -6.51 38.60 -1.50
N SER B 70 -6.07 38.58 -0.23
CA SER B 70 -6.45 37.54 0.70
C SER B 70 -7.41 38.11 1.73
N VAL B 71 -8.66 37.68 1.65
CA VAL B 71 -9.68 38.05 2.63
C VAL B 71 -9.49 37.25 3.90
N LEU B 72 -9.30 37.96 5.01
CA LEU B 72 -9.13 37.34 6.31
C LEU B 72 -10.02 38.01 7.34
N PHE B 73 -10.59 37.20 8.24
CA PHE B 73 -11.40 37.72 9.34
C PHE B 73 -10.51 37.82 10.59
N ARG B 74 -10.27 39.05 11.05
CA ARG B 74 -9.40 39.28 12.20
C ARG B 74 -9.83 40.48 13.04
N LYS B 75 -9.67 40.36 14.35
CA LYS B 75 -9.96 41.45 15.29
C LYS B 75 -11.36 42.05 15.11
N LYS B 76 -12.34 41.18 14.82
CA LYS B 76 -13.74 41.59 14.67
C LYS B 76 -14.08 42.05 13.25
N LYS B 77 -13.12 42.66 12.58
CA LYS B 77 -13.32 43.19 11.23
C LYS B 77 -12.83 42.19 10.18
N CYS B 78 -12.79 42.62 8.92
CA CYS B 78 -12.23 41.80 7.85
C CYS B 78 -11.05 42.49 7.17
N ASP B 79 -9.87 41.88 7.28
CA ASP B 79 -8.63 42.46 6.78
C ASP B 79 -8.31 41.96 5.37
N TYR B 80 -7.59 42.78 4.61
CA TYR B 80 -7.21 42.44 3.25
C TYR B 80 -5.69 42.52 3.08
N TRP B 81 -5.09 41.41 2.65
CA TRP B 81 -3.68 41.39 2.30
C TRP B 81 -3.54 41.40 0.79
N ILE B 82 -2.99 42.50 0.27
CA ILE B 82 -2.88 42.70 -1.18
C ILE B 82 -1.44 42.64 -1.66
N ARG B 83 -1.19 41.75 -2.62
CA ARG B 83 0.11 41.65 -3.29
C ARG B 83 -0.09 41.13 -4.71
N THR B 84 0.96 41.15 -5.51
CA THR B 84 0.85 40.80 -6.93
C THR B 84 1.81 39.67 -7.30
N PHE B 85 1.33 38.73 -8.11
CA PHE B 85 2.10 37.54 -8.48
C PHE B 85 2.44 37.59 -9.96
N VAL B 86 3.72 37.82 -10.28
CA VAL B 86 4.15 37.88 -11.67
C VAL B 86 4.57 36.50 -12.19
N PRO B 87 4.10 36.12 -13.39
CA PRO B 87 4.53 34.88 -14.05
C PRO B 87 6.04 34.75 -14.19
N GLY B 88 6.56 33.57 -13.85
CA GLY B 88 7.99 33.30 -13.90
C GLY B 88 8.46 32.67 -15.21
N SER B 89 9.66 32.12 -15.17
CA SER B 89 10.28 31.48 -16.33
C SER B 89 9.33 30.50 -17.00
N GLN B 90 8.78 29.59 -16.21
CA GLN B 90 7.83 28.59 -16.72
C GLN B 90 6.44 28.87 -16.17
N PRO B 91 5.40 28.40 -16.87
CA PRO B 91 4.05 28.53 -16.33
C PRO B 91 3.91 27.74 -15.03
N GLY B 92 3.21 28.31 -14.06
CA GLY B 92 3.08 27.72 -12.72
C GLY B 92 4.03 28.36 -11.72
N GLU B 93 5.09 28.97 -12.22
CA GLU B 93 6.05 29.70 -11.40
C GLU B 93 5.61 31.16 -11.31
N PHE B 94 5.83 31.78 -10.15
CA PHE B 94 5.44 33.18 -9.95
C PHE B 94 6.39 33.94 -9.03
N THR B 95 6.59 35.21 -9.35
CA THR B 95 7.45 36.10 -8.59
C THR B 95 6.59 37.18 -7.91
N LEU B 96 7.06 37.70 -6.77
CA LEU B 96 6.31 38.71 -6.02
C LEU B 96 6.41 40.08 -6.70
N GLY B 97 5.25 40.67 -6.99
CA GLY B 97 5.19 41.97 -7.63
C GLY B 97 5.67 43.06 -6.68
N ASN B 98 6.29 44.09 -7.25
CA ASN B 98 6.88 45.17 -6.46
C ASN B 98 7.62 44.66 -5.22
N ILE B 99 8.49 43.67 -5.44
CA ILE B 99 9.31 43.12 -4.38
C ILE B 99 9.98 44.23 -3.58
N LYS B 100 10.49 45.24 -4.29
CA LYS B 100 11.10 46.42 -3.68
C LYS B 100 10.19 47.03 -2.61
N SER B 101 8.92 47.21 -2.95
CA SER B 101 7.96 47.88 -2.06
C SER B 101 7.91 47.31 -0.64
N TYR B 102 8.38 46.07 -0.46
CA TYR B 102 8.38 45.44 0.85
C TYR B 102 9.78 45.50 1.47
N PRO B 103 9.92 46.20 2.61
CA PRO B 103 11.16 46.25 3.38
C PRO B 103 11.57 44.88 3.93
N GLY B 104 12.84 44.52 3.72
CA GLY B 104 13.39 43.26 4.23
C GLY B 104 13.33 42.12 3.22
N LEU B 105 12.34 42.15 2.35
CA LEU B 105 12.18 41.10 1.36
C LEU B 105 13.30 41.13 0.33
N THR B 106 14.18 40.12 0.42
CA THR B 106 15.23 39.90 -0.56
C THR B 106 14.69 39.10 -1.75
N SER B 107 14.10 37.96 -1.44
CA SER B 107 13.62 37.02 -2.46
C SER B 107 12.20 36.58 -2.15
N TYR B 108 11.46 36.23 -3.19
CA TYR B 108 10.14 35.62 -3.05
C TYR B 108 9.86 34.72 -4.23
N LEU B 109 9.33 33.52 -3.94
CA LEU B 109 9.06 32.53 -4.97
C LEU B 109 7.71 31.86 -4.77
N VAL B 110 7.02 31.60 -5.87
CA VAL B 110 5.74 30.91 -5.86
C VAL B 110 5.75 29.80 -6.91
N ARG B 111 5.46 28.58 -6.48
CA ARG B 111 5.38 27.44 -7.39
C ARG B 111 4.09 26.65 -7.13
N VAL B 112 3.22 26.59 -8.14
CA VAL B 112 2.06 25.71 -8.09
C VAL B 112 2.57 24.27 -8.21
N VAL B 113 2.32 23.50 -7.15
CA VAL B 113 2.82 22.12 -7.08
C VAL B 113 1.95 21.20 -7.92
N SER B 114 0.64 21.27 -7.68
CA SER B 114 -0.34 20.47 -8.40
C SER B 114 -1.70 21.16 -8.36
N THR B 115 -2.50 21.01 -9.43
CA THR B 115 -3.83 21.62 -9.50
C THR B 115 -4.90 20.57 -9.73
N ASN B 118 -9.80 23.68 -10.15
CA ASN B 118 -11.05 22.97 -10.43
C ASN B 118 -11.68 22.38 -9.16
N GLN B 119 -10.86 21.73 -8.33
CA GLN B 119 -11.30 21.22 -7.04
C GLN B 119 -10.27 21.55 -5.96
N HIS B 120 -9.04 21.11 -6.19
CA HIS B 120 -7.95 21.32 -5.24
C HIS B 120 -6.67 21.77 -5.96
N ALA B 121 -5.80 22.46 -5.22
CA ALA B 121 -4.50 22.88 -5.74
C ALA B 121 -3.46 22.87 -4.64
N MET B 122 -2.19 22.74 -5.01
CA MET B 122 -1.10 22.70 -4.05
C MET B 122 -0.01 23.73 -4.39
N VAL B 123 0.13 24.76 -3.55
CA VAL B 123 1.02 25.88 -3.85
C VAL B 123 2.16 26.04 -2.84
N PHE B 124 3.37 26.27 -3.37
CA PHE B 124 4.56 26.47 -2.56
C PHE B 124 5.02 27.92 -2.63
N PHE B 125 5.16 28.56 -1.47
CA PHE B 125 5.71 29.91 -1.39
C PHE B 125 7.02 29.91 -0.60
N LYS B 126 8.10 30.36 -1.21
CA LYS B 126 9.37 30.57 -0.50
C LYS B 126 9.77 32.04 -0.59
N LYS B 127 10.26 32.58 0.53
CA LYS B 127 10.77 33.94 0.55
C LYS B 127 12.08 34.04 1.32
N VAL B 128 12.80 35.14 1.13
CA VAL B 128 13.94 35.47 1.99
C VAL B 128 13.74 36.86 2.61
N SER B 129 13.38 36.88 3.89
CA SER B 129 13.09 38.12 4.61
C SER B 129 14.04 38.30 5.79
N GLN B 130 14.68 39.46 5.85
CA GLN B 130 15.70 39.73 6.87
C GLN B 130 16.73 38.61 6.89
N ASN B 131 17.17 38.21 5.69
CA ASN B 131 18.20 37.19 5.52
C ASN B 131 17.80 35.79 5.99
N ARG B 132 16.59 35.65 6.54
CA ARG B 132 16.07 34.35 6.94
C ARG B 132 15.22 33.75 5.82
N GLU B 133 15.45 32.47 5.53
CA GLU B 133 14.70 31.77 4.49
C GLU B 133 13.46 31.11 5.07
N TYR B 134 12.30 31.62 4.68
CA TYR B 134 11.00 31.08 5.09
C TYR B 134 10.34 30.31 3.95
N PHE B 135 9.44 29.39 4.30
CA PHE B 135 8.63 28.71 3.28
C PHE B 135 7.32 28.17 3.86
N LYS B 136 6.35 27.94 2.98
CA LYS B 136 5.09 27.30 3.35
C LYS B 136 4.41 26.72 2.12
N ILE B 137 3.62 25.69 2.36
CA ILE B 137 2.80 25.09 1.33
C ILE B 137 1.34 25.29 1.72
N THR B 138 0.51 25.65 0.75
CA THR B 138 -0.91 25.84 0.97
C THR B 138 -1.69 24.87 0.08
N LEU B 139 -2.50 24.03 0.69
CA LEU B 139 -3.43 23.17 -0.04
C LEU B 139 -4.68 23.98 -0.34
N TYR B 140 -4.94 24.20 -1.63
CA TYR B 140 -6.04 25.05 -2.06
C TYR B 140 -7.27 24.22 -2.36
N GLY B 141 -8.43 24.70 -1.92
CA GLY B 141 -9.70 24.04 -2.20
C GLY B 141 -10.73 25.02 -2.73
N ARG B 142 -11.48 24.61 -3.74
CA ARG B 142 -12.57 25.43 -4.27
C ARG B 142 -13.69 25.56 -3.25
N THR B 143 -13.83 24.53 -2.42
CA THR B 143 -14.78 24.52 -1.31
C THR B 143 -14.06 24.67 0.03
N LYS B 144 -14.80 24.58 1.13
CA LYS B 144 -14.23 24.68 2.48
C LYS B 144 -13.95 23.32 3.11
N GLU B 145 -13.98 22.26 2.31
CA GLU B 145 -13.69 20.90 2.79
C GLU B 145 -12.92 20.10 1.74
N LEU B 146 -12.30 19.00 2.18
CA LEU B 146 -11.52 18.15 1.26
C LEU B 146 -11.41 16.70 1.76
N THR B 147 -10.95 15.82 0.88
CA THR B 147 -10.82 14.39 1.18
C THR B 147 -9.57 14.11 2.01
N LYS B 151 -6.47 16.04 2.54
CA LYS B 151 -5.56 16.30 3.65
C LYS B 151 -4.38 15.33 3.66
N GLU B 152 -4.68 14.03 3.55
CA GLU B 152 -3.65 13.00 3.63
C GLU B 152 -2.57 13.18 2.57
N ASN B 153 -2.97 13.65 1.39
CA ASN B 153 -2.02 13.95 0.32
C ASN B 153 -1.10 15.10 0.71
N PHE B 154 -1.70 16.12 1.33
CA PHE B 154 -0.99 17.32 1.76
C PHE B 154 0.09 17.00 2.80
N ILE B 155 -0.26 16.21 3.80
CA ILE B 155 0.64 15.86 4.89
C ILE B 155 1.89 15.11 4.42
N ARG B 156 1.70 14.14 3.53
CA ARG B 156 2.80 13.36 2.98
C ARG B 156 3.82 14.24 2.24
N PHE B 157 3.32 15.25 1.53
CA PHE B 157 4.18 16.22 0.86
C PHE B 157 4.83 17.16 1.87
N SER B 158 4.04 17.59 2.87
CA SER B 158 4.52 18.49 3.91
C SER B 158 5.75 17.92 4.62
N LYS B 159 5.65 16.67 5.05
CA LYS B 159 6.73 16.01 5.79
C LYS B 159 7.91 15.66 4.89
N SER B 160 7.68 15.58 3.58
CA SER B 160 8.74 15.28 2.63
C SER B 160 9.67 16.48 2.43
N LEU B 161 9.19 17.67 2.80
CA LEU B 161 9.99 18.88 2.70
C LEU B 161 10.77 19.16 3.98
N GLY B 162 10.59 18.29 4.97
CA GLY B 162 11.25 18.43 6.27
C GLY B 162 10.39 19.20 7.24
N LEU B 163 9.14 18.75 7.40
CA LEU B 163 8.17 19.45 8.24
C LEU B 163 7.50 18.49 9.22
N PRO B 164 7.62 18.78 10.53
CA PRO B 164 6.91 18.04 11.57
C PRO B 164 5.39 18.21 11.48
N GLU B 165 4.67 17.49 12.33
CA GLU B 165 3.23 17.69 12.47
C GLU B 165 2.91 18.92 13.33
N ASN B 166 3.91 19.43 14.04
CA ASN B 166 3.77 20.69 14.77
C ASN B 166 3.59 21.90 13.85
N HIS B 167 4.08 21.78 12.61
CA HIS B 167 3.99 22.86 11.63
C HIS B 167 2.83 22.68 10.63
N ILE B 168 2.14 21.53 10.70
CA ILE B 168 1.07 21.22 9.75
C ILE B 168 -0.30 21.53 10.32
N VAL B 169 -0.95 22.57 9.78
CA VAL B 169 -2.24 23.05 10.25
C VAL B 169 -3.33 22.82 9.22
N PHE B 170 -4.55 22.61 9.70
CA PHE B 170 -5.74 22.58 8.84
C PHE B 170 -6.71 23.62 9.37
N PRO B 171 -6.70 24.83 8.79
CA PRO B 171 -7.50 25.95 9.28
C PRO B 171 -8.98 25.62 9.48
N VAL B 172 -9.59 26.24 10.49
CA VAL B 172 -10.99 26.00 10.82
C VAL B 172 -11.93 26.83 9.94
N PRO B 173 -12.88 26.16 9.24
CA PRO B 173 -13.81 26.86 8.36
C PRO B 173 -14.74 27.84 9.08
N ILE B 174 -15.10 28.92 8.40
CA ILE B 174 -16.01 29.94 8.91
C ILE B 174 -16.81 30.54 7.76
N ASP B 175 -17.68 31.51 8.08
CA ASP B 175 -18.60 32.07 7.08
C ASP B 175 -18.41 33.56 6.83
N GLN B 176 -17.64 34.23 7.69
CA GLN B 176 -17.52 35.69 7.65
C GLN B 176 -16.46 36.13 6.63
N CYS B 177 -16.90 36.81 5.58
CA CYS B 177 -16.01 37.40 4.57
C CYS B 177 -15.30 36.39 3.66
N ILE B 178 -15.51 35.10 3.89
CA ILE B 178 -14.84 34.07 3.10
C ILE B 178 -15.77 33.58 1.98
N ASP C 4 6.65 -26.26 -37.40
CA ASP C 4 7.27 -25.33 -36.41
C ASP C 4 7.49 -26.01 -35.05
N SER C 5 7.78 -27.31 -35.09
CA SER C 5 8.11 -28.08 -33.88
C SER C 5 9.62 -28.23 -33.73
N THR C 6 10.36 -27.61 -34.63
CA THR C 6 11.83 -27.59 -34.61
C THR C 6 12.36 -26.16 -34.76
N SER C 7 11.46 -25.19 -34.69
CA SER C 7 11.79 -23.80 -34.97
C SER C 7 12.61 -23.19 -33.83
N ASP C 8 13.23 -22.04 -34.12
CA ASP C 8 14.02 -21.32 -33.12
C ASP C 8 13.08 -20.71 -32.08
N LEU C 9 13.52 -20.68 -30.84
CA LEU C 9 12.70 -20.15 -29.75
C LEU C 9 13.35 -18.93 -29.11
N ILE C 10 12.53 -18.03 -28.61
CA ILE C 10 13.01 -17.02 -27.70
C ILE C 10 13.48 -17.75 -26.45
N PRO C 11 14.71 -17.48 -26.01
CA PRO C 11 15.25 -18.10 -24.79
C PRO C 11 14.42 -17.81 -23.55
N ALA C 12 14.30 -18.82 -22.68
CA ALA C 12 13.77 -18.62 -21.34
C ALA C 12 14.52 -17.48 -20.65
N PRO C 13 13.82 -16.67 -19.84
CA PRO C 13 14.55 -15.66 -19.09
C PRO C 13 15.29 -16.26 -17.90
N PRO C 14 16.35 -15.60 -17.42
CA PRO C 14 16.91 -16.00 -16.15
C PRO C 14 15.85 -15.86 -15.06
N LEU C 15 15.80 -16.80 -14.12
CA LEU C 15 14.75 -16.80 -13.12
C LEU C 15 14.79 -15.53 -12.27
N SER C 16 15.96 -14.91 -12.15
CA SER C 16 16.11 -13.66 -11.42
C SER C 16 15.22 -12.56 -11.98
N LYS C 17 14.86 -12.65 -13.26
CA LYS C 17 13.94 -11.70 -13.87
C LYS C 17 12.47 -12.06 -13.66
N VAL C 18 12.21 -13.11 -12.86
CA VAL C 18 10.86 -13.60 -12.58
C VAL C 18 10.59 -13.60 -11.07
N PRO C 19 9.80 -12.63 -10.59
CA PRO C 19 9.60 -12.54 -9.14
C PRO C 19 8.80 -13.71 -8.56
N LEU C 20 8.94 -13.91 -7.26
CA LEU C 20 8.17 -14.87 -6.53
C LEU C 20 7.30 -14.12 -5.53
N GLN C 21 5.99 -14.26 -5.66
CA GLN C 21 5.06 -13.71 -4.68
C GLN C 21 5.55 -14.08 -3.29
N GLN C 22 5.73 -13.10 -2.41
CA GLN C 22 6.20 -13.40 -1.06
C GLN C 22 5.04 -13.89 -0.18
N ASN C 23 5.38 -14.75 0.79
CA ASN C 23 4.42 -15.33 1.70
C ASN C 23 3.26 -16.01 0.97
N PHE C 24 3.59 -16.79 -0.04
CA PHE C 24 2.55 -17.39 -0.86
C PHE C 24 1.62 -18.23 -0.01
N GLN C 25 0.32 -18.00 -0.20
CA GLN C 25 -0.73 -18.63 0.58
C GLN C 25 -1.49 -19.65 -0.26
N ASP C 26 -1.09 -20.93 -0.17
CA ASP C 26 -1.66 -21.96 -1.04
C ASP C 26 -3.19 -22.09 -0.93
N ASN C 27 -3.71 -21.98 0.28
CA ASN C 27 -5.15 -22.07 0.50
C ASN C 27 -5.92 -20.93 -0.20
N GLN C 28 -5.37 -19.72 -0.20
CA GLN C 28 -6.06 -18.56 -0.78
C GLN C 28 -6.06 -18.55 -2.31
N PHE C 29 -5.13 -19.31 -2.89
CA PHE C 29 -4.91 -19.30 -4.34
C PHE C 29 -5.74 -20.36 -5.06
N GLN C 30 -6.38 -21.25 -4.32
CA GLN C 30 -7.07 -22.37 -4.96
C GLN C 30 -8.41 -21.93 -5.48
N GLY C 31 -9.04 -22.79 -6.28
CA GLY C 31 -10.29 -22.46 -6.94
C GLY C 31 -10.08 -22.15 -8.40
N LYS C 32 -11.11 -21.65 -9.07
CA LYS C 32 -11.09 -21.45 -10.51
C LYS C 32 -10.39 -20.16 -10.87
N TRP C 33 -9.61 -20.19 -11.95
CA TRP C 33 -9.02 -19.00 -12.54
C TRP C 33 -9.29 -18.98 -14.04
N TYR C 34 -9.68 -17.83 -14.55
CA TYR C 34 -9.82 -17.66 -15.99
C TYR C 34 -8.53 -17.10 -16.58
N VAL C 35 -8.11 -17.69 -17.70
CA VAL C 35 -6.92 -17.23 -18.39
C VAL C 35 -7.29 -16.04 -19.27
N VAL C 36 -7.23 -14.85 -18.71
CA VAL C 36 -7.65 -13.66 -19.44
C VAL C 36 -6.48 -13.10 -20.25
N GLY C 37 -5.28 -13.57 -19.96
CA GLY C 37 -4.11 -13.20 -20.72
C GLY C 37 -3.10 -14.33 -20.74
N LEU C 38 -2.40 -14.46 -21.86
CA LEU C 38 -1.48 -15.55 -22.07
C LEU C 38 -0.31 -15.08 -22.94
N ALA C 39 0.90 -15.33 -22.48
CA ALA C 39 2.10 -14.97 -23.23
C ALA C 39 3.16 -16.07 -23.05
N GLY C 40 4.15 -16.07 -23.93
CA GLY C 40 5.19 -17.09 -23.89
C GLY C 40 5.79 -17.38 -25.25
N ASN C 41 6.89 -18.14 -25.27
CA ASN C 41 7.66 -18.30 -26.50
C ASN C 41 7.08 -19.28 -27.52
N ALA C 42 6.17 -20.14 -27.11
CA ALA C 42 5.42 -20.97 -28.08
C ALA C 42 3.97 -20.53 -28.21
N ILE C 43 3.67 -19.31 -27.77
CA ILE C 43 2.33 -18.73 -27.94
C ILE C 43 2.36 -17.67 -29.02
N LEU C 44 1.41 -17.75 -29.96
CA LEU C 44 1.36 -16.83 -31.10
C LEU C 44 -0.05 -16.32 -31.33
N ARG C 45 -0.17 -15.07 -31.77
CA ARG C 45 -1.46 -14.52 -32.14
C ARG C 45 -1.95 -15.15 -33.43
N GLU C 46 -3.26 -15.32 -33.54
CA GLU C 46 -3.88 -15.90 -34.73
C GLU C 46 -5.22 -15.22 -34.98
N ASP C 47 -5.21 -14.24 -35.88
CA ASP C 47 -6.40 -13.43 -36.17
C ASP C 47 -7.50 -14.24 -36.84
N LYS C 48 -7.12 -15.32 -37.54
CA LYS C 48 -8.10 -16.18 -38.21
C LYS C 48 -8.89 -17.05 -37.21
N ASP C 49 -8.22 -17.49 -36.15
CA ASP C 49 -8.86 -18.30 -35.11
C ASP C 49 -8.36 -17.87 -33.74
N PRO C 50 -8.86 -16.74 -33.23
CA PRO C 50 -8.46 -16.24 -31.92
C PRO C 50 -8.53 -17.32 -30.83
N GLN C 51 -7.50 -17.38 -30.01
CA GLN C 51 -7.49 -18.28 -28.85
C GLN C 51 -8.74 -18.01 -28.01
N LYS C 52 -9.52 -19.05 -27.76
CA LYS C 52 -10.67 -18.93 -26.87
C LYS C 52 -10.22 -19.08 -25.42
N MET C 53 -10.90 -18.38 -24.52
CA MET C 53 -10.57 -18.40 -23.11
C MET C 53 -10.82 -19.80 -22.55
N TYR C 54 -9.89 -20.26 -21.72
CA TYR C 54 -10.09 -21.46 -20.94
C TYR C 54 -9.95 -21.13 -19.46
N ALA C 55 -10.18 -22.13 -18.60
CA ALA C 55 -10.06 -21.96 -17.16
C ALA C 55 -9.11 -23.01 -16.60
N THR C 56 -8.50 -22.69 -15.45
CA THR C 56 -7.69 -23.65 -14.72
C THR C 56 -8.17 -23.64 -13.27
N ILE C 57 -8.47 -24.82 -12.74
CA ILE C 57 -8.90 -24.97 -11.37
C ILE C 57 -7.78 -25.60 -10.57
N TYR C 58 -7.45 -25.01 -9.42
CA TYR C 58 -6.39 -25.52 -8.56
C TYR C 58 -7.00 -26.12 -7.29
N GLU C 59 -6.95 -27.45 -7.13
CA GLU C 59 -7.52 -28.07 -5.94
C GLU C 59 -6.44 -28.42 -4.94
N LEU C 60 -6.51 -27.80 -3.77
CA LEU C 60 -5.52 -28.05 -2.73
C LEU C 60 -5.83 -29.37 -2.04
N LYS C 61 -4.85 -30.25 -2.01
CA LYS C 61 -5.03 -31.58 -1.43
C LYS C 61 -4.45 -31.61 -0.04
N GLU C 62 -4.90 -32.56 0.78
CA GLU C 62 -4.42 -32.69 2.15
C GLU C 62 -2.89 -32.73 2.21
N ASP C 63 -2.26 -33.36 1.22
CA ASP C 63 -0.79 -33.40 1.15
C ASP C 63 -0.17 -32.12 0.59
N LYS C 64 -0.98 -31.09 0.41
CA LYS C 64 -0.52 -29.75 0.03
C LYS C 64 0.02 -29.61 -1.40
N SER C 65 -0.21 -30.63 -2.23
CA SER C 65 0.02 -30.47 -3.65
C SER C 65 -1.30 -30.03 -4.27
N TYR C 66 -1.25 -29.50 -5.48
CA TYR C 66 -2.48 -29.15 -6.20
C TYR C 66 -2.77 -30.18 -7.26
N ASN C 67 -4.03 -30.58 -7.33
CA ASN C 67 -4.55 -31.19 -8.53
C ASN C 67 -5.03 -30.05 -9.40
N VAL C 68 -4.46 -29.95 -10.60
CA VAL C 68 -4.69 -28.77 -11.44
C VAL C 68 -5.43 -29.19 -12.70
N THR C 69 -6.58 -28.58 -12.94
CA THR C 69 -7.42 -28.94 -14.09
C THR C 69 -7.69 -27.73 -14.97
N SER C 70 -7.24 -27.81 -16.22
CA SER C 70 -7.57 -26.79 -17.20
C SER C 70 -8.66 -27.34 -18.10
N VAL C 71 -9.74 -26.56 -18.20
CA VAL C 71 -10.88 -26.88 -19.03
C VAL C 71 -10.89 -25.94 -20.23
N LEU C 72 -10.80 -26.50 -21.42
CA LEU C 72 -10.78 -25.71 -22.66
C LEU C 72 -11.93 -26.14 -23.59
N PHE C 73 -12.27 -25.29 -24.54
CA PHE C 73 -13.27 -25.61 -25.55
C PHE C 73 -12.59 -25.72 -26.91
N ARG C 74 -12.45 -26.95 -27.38
CA ARG C 74 -11.69 -27.25 -28.59
C ARG C 74 -12.43 -28.27 -29.46
N LYS C 75 -12.66 -27.93 -30.71
CA LYS C 75 -13.31 -28.84 -31.66
C LYS C 75 -14.68 -29.27 -31.13
N LYS C 76 -15.54 -28.28 -30.91
CA LYS C 76 -16.93 -28.52 -30.47
C LYS C 76 -17.03 -29.26 -29.12
N LYS C 77 -15.89 -29.64 -28.56
CA LYS C 77 -15.87 -30.42 -27.33
C LYS C 77 -15.13 -29.71 -26.19
N CYS C 78 -15.17 -30.33 -25.02
CA CYS C 78 -14.51 -29.80 -23.85
C CYS C 78 -13.37 -30.68 -23.43
N ASP C 79 -12.17 -30.11 -23.47
CA ASP C 79 -10.98 -30.84 -23.11
C ASP C 79 -10.62 -30.55 -21.66
N TYR C 80 -10.04 -31.54 -21.00
CA TYR C 80 -9.65 -31.41 -19.60
C TYR C 80 -8.19 -31.82 -19.45
N TRP C 81 -7.34 -30.87 -19.11
CA TRP C 81 -5.91 -31.12 -18.90
C TRP C 81 -5.68 -31.18 -17.39
N ILE C 82 -5.34 -32.39 -16.93
CA ILE C 82 -5.24 -32.69 -15.50
C ILE C 82 -3.85 -33.12 -15.11
N ARG C 83 -3.25 -32.40 -14.17
CA ARG C 83 -1.91 -32.73 -13.70
C ARG C 83 -1.77 -32.28 -12.25
N THR C 84 -0.69 -32.70 -11.61
CA THR C 84 -0.41 -32.34 -10.21
C THR C 84 0.78 -31.40 -10.09
N PHE C 85 0.60 -30.34 -9.32
CA PHE C 85 1.67 -29.44 -8.99
C PHE C 85 2.11 -29.72 -7.56
N VAL C 86 3.36 -30.19 -7.41
CA VAL C 86 3.94 -30.50 -6.12
C VAL C 86 4.74 -29.28 -5.65
N PRO C 87 4.65 -28.95 -4.36
CA PRO C 87 5.32 -27.74 -3.88
C PRO C 87 6.82 -27.77 -4.12
N GLY C 88 7.38 -26.64 -4.53
CA GLY C 88 8.77 -26.55 -4.98
C GLY C 88 9.73 -26.18 -3.86
N SER C 89 10.90 -25.66 -4.25
CA SER C 89 11.95 -25.29 -3.31
C SER C 89 11.49 -24.14 -2.42
N GLN C 90 10.68 -23.26 -2.99
CA GLN C 90 10.17 -22.07 -2.32
C GLN C 90 8.65 -22.05 -2.39
N PRO C 91 7.99 -21.64 -1.31
CA PRO C 91 6.54 -21.59 -1.36
C PRO C 91 6.12 -20.72 -2.53
N GLY C 92 5.23 -21.23 -3.38
CA GLY C 92 4.78 -20.50 -4.57
C GLY C 92 5.40 -21.06 -5.84
N GLU C 93 6.47 -21.82 -5.69
CA GLU C 93 6.98 -22.63 -6.80
C GLU C 93 6.38 -24.02 -6.75
N PHE C 94 6.25 -24.65 -7.91
CA PHE C 94 5.85 -26.04 -7.97
C PHE C 94 6.62 -26.85 -9.01
N THR C 95 6.69 -28.14 -8.72
CA THR C 95 7.29 -29.13 -9.58
C THR C 95 6.13 -29.94 -10.15
N LEU C 96 6.33 -30.59 -11.29
CA LEU C 96 5.28 -31.44 -11.86
C LEU C 96 5.35 -32.81 -11.21
N GLY C 97 4.21 -33.27 -10.69
CA GLY C 97 4.11 -34.62 -10.16
C GLY C 97 4.19 -35.62 -11.30
N ASN C 98 4.92 -36.71 -11.08
CA ASN C 98 4.91 -37.86 -11.97
C ASN C 98 5.37 -37.48 -13.38
N ILE C 99 6.47 -36.73 -13.42
CA ILE C 99 6.98 -36.17 -14.65
C ILE C 99 7.37 -37.27 -15.66
N LYS C 100 7.77 -38.43 -15.16
CA LYS C 100 8.24 -39.50 -16.02
C LYS C 100 7.14 -40.04 -16.92
N SER C 101 5.90 -39.93 -16.46
CA SER C 101 4.74 -40.33 -17.26
C SER C 101 4.35 -39.31 -18.32
N TYR C 102 5.23 -38.36 -18.63
CA TYR C 102 4.99 -37.43 -19.73
C TYR C 102 6.12 -37.53 -20.73
N PRO C 103 5.84 -38.16 -21.88
CA PRO C 103 6.96 -38.43 -22.79
C PRO C 103 7.64 -37.14 -23.23
N GLY C 104 8.97 -37.18 -23.25
CA GLY C 104 9.75 -36.04 -23.72
C GLY C 104 10.07 -35.03 -22.64
N LEU C 105 9.34 -35.09 -21.53
CA LEU C 105 9.39 -34.03 -20.53
C LEU C 105 10.48 -34.33 -19.53
N THR C 106 11.47 -33.43 -19.43
CA THR C 106 12.61 -33.64 -18.53
C THR C 106 12.75 -32.57 -17.45
N SER C 107 11.92 -31.54 -17.51
CA SER C 107 11.96 -30.47 -16.54
C SER C 107 10.64 -29.71 -16.56
N TYR C 108 10.21 -29.22 -15.39
CA TYR C 108 8.97 -28.46 -15.28
C TYR C 108 9.00 -27.61 -14.02
N LEU C 109 8.68 -26.33 -14.16
CA LEU C 109 8.70 -25.40 -13.05
C LEU C 109 7.51 -24.47 -13.10
N VAL C 110 6.87 -24.27 -11.96
CA VAL C 110 5.84 -23.24 -11.83
C VAL C 110 6.29 -22.25 -10.79
N ARG C 111 6.11 -20.96 -11.06
CA ARG C 111 6.36 -19.92 -10.08
C ARG C 111 5.29 -18.85 -10.14
N VAL C 112 4.55 -18.66 -9.06
CA VAL C 112 3.55 -17.60 -9.01
C VAL C 112 4.27 -16.26 -8.84
N VAL C 113 3.98 -15.33 -9.75
CA VAL C 113 4.71 -14.07 -9.77
C VAL C 113 4.05 -13.05 -8.86
N SER C 114 2.73 -12.95 -8.94
CA SER C 114 1.99 -12.08 -8.05
C SER C 114 0.53 -12.46 -8.00
N THR C 115 -0.10 -12.32 -6.84
CA THR C 115 -1.55 -12.43 -6.72
C THR C 115 -2.04 -11.52 -5.63
N ASN C 116 -3.30 -11.14 -5.71
CA ASN C 116 -4.04 -10.65 -4.57
C ASN C 116 -5.11 -11.67 -4.17
N TYR C 117 -5.10 -12.82 -4.85
CA TYR C 117 -5.93 -13.98 -4.50
C TYR C 117 -7.40 -13.89 -4.91
N ASN C 118 -7.99 -12.71 -4.82
CA ASN C 118 -9.44 -12.55 -4.98
C ASN C 118 -9.81 -12.03 -6.38
N GLN C 119 -8.84 -11.47 -7.09
CA GLN C 119 -9.09 -10.91 -8.41
C GLN C 119 -8.17 -11.49 -9.47
N HIS C 120 -6.86 -11.30 -9.29
CA HIS C 120 -5.91 -11.57 -10.35
C HIS C 120 -4.67 -12.31 -9.85
N ALA C 121 -3.99 -12.96 -10.79
CA ALA C 121 -2.75 -13.65 -10.54
C ALA C 121 -1.94 -13.68 -11.82
N MET C 122 -0.61 -13.64 -11.66
CA MET C 122 0.30 -13.87 -12.77
C MET C 122 1.17 -15.04 -12.36
N VAL C 123 1.29 -16.01 -13.25
CA VAL C 123 2.05 -17.21 -12.98
C VAL C 123 2.98 -17.55 -14.14
N PHE C 124 4.18 -18.00 -13.80
CA PHE C 124 5.21 -18.33 -14.78
C PHE C 124 5.36 -19.84 -14.84
N PHE C 125 5.37 -20.39 -16.04
CA PHE C 125 5.61 -21.82 -16.24
C PHE C 125 6.81 -21.95 -17.16
N LYS C 126 7.63 -22.97 -16.91
CA LYS C 126 8.76 -23.28 -17.78
C LYS C 126 8.96 -24.79 -17.83
N LYS C 127 9.15 -25.33 -19.03
CA LYS C 127 9.34 -26.76 -19.21
C LYS C 127 10.35 -27.01 -20.31
N VAL C 128 11.09 -28.10 -20.19
CA VAL C 128 11.98 -28.55 -21.25
C VAL C 128 11.42 -29.86 -21.75
N SER C 129 10.99 -29.87 -22.99
CA SER C 129 10.34 -31.03 -23.59
C SER C 129 10.98 -31.28 -24.94
N GLN C 130 11.40 -32.52 -25.16
CA GLN C 130 12.23 -32.87 -26.30
C GLN C 130 13.37 -31.86 -26.41
N ASN C 131 13.99 -31.61 -25.27
CA ASN C 131 15.15 -30.73 -25.13
C ASN C 131 14.96 -29.35 -25.75
N ARG C 132 13.74 -28.83 -25.69
CA ARG C 132 13.45 -27.46 -26.07
C ARG C 132 12.80 -26.73 -24.90
N GLU C 133 13.32 -25.56 -24.55
CA GLU C 133 12.85 -24.88 -23.35
C GLU C 133 11.71 -23.90 -23.64
N TYR C 134 10.52 -24.24 -23.14
CA TYR C 134 9.34 -23.42 -23.30
C TYR C 134 9.03 -22.66 -22.02
N PHE C 135 8.53 -21.44 -22.16
CA PHE C 135 7.96 -20.74 -21.03
C PHE C 135 6.71 -19.99 -21.47
N LYS C 136 5.76 -19.85 -20.55
CA LYS C 136 4.61 -19.00 -20.75
C LYS C 136 4.31 -18.28 -19.47
N ILE C 137 3.60 -17.17 -19.57
CA ILE C 137 3.07 -16.48 -18.41
C ILE C 137 1.58 -16.41 -18.64
N THR C 138 0.80 -16.77 -17.63
CA THR C 138 -0.64 -16.62 -17.74
C THR C 138 -1.09 -15.50 -16.81
N LEU C 139 -2.00 -14.68 -17.30
CA LEU C 139 -2.70 -13.69 -16.48
C LEU C 139 -4.02 -14.32 -16.04
N TYR C 140 -4.19 -14.50 -14.74
CA TYR C 140 -5.37 -15.18 -14.22
C TYR C 140 -6.37 -14.17 -13.67
N GLY C 141 -7.64 -14.35 -14.01
CA GLY C 141 -8.73 -13.61 -13.36
C GLY C 141 -9.72 -14.55 -12.67
N ARG C 142 -10.34 -14.10 -11.58
CA ARG C 142 -11.43 -14.85 -10.96
C ARG C 142 -12.72 -14.64 -11.75
N THR C 143 -12.79 -13.52 -12.46
CA THR C 143 -13.82 -13.27 -13.47
C THR C 143 -13.13 -13.20 -14.84
N LYS C 144 -13.93 -13.12 -15.91
CA LYS C 144 -13.40 -13.25 -17.27
C LYS C 144 -12.81 -11.94 -17.80
N GLU C 145 -12.98 -10.88 -17.02
CA GLU C 145 -12.58 -9.55 -17.45
C GLU C 145 -11.57 -9.03 -16.45
N LEU C 146 -10.64 -8.20 -16.91
CA LEU C 146 -9.72 -7.51 -16.01
C LEU C 146 -9.43 -6.13 -16.54
N THR C 147 -8.96 -5.27 -15.65
CA THR C 147 -8.80 -3.86 -15.97
C THR C 147 -7.69 -3.67 -17.00
N SER C 148 -7.75 -2.54 -17.69
CA SER C 148 -6.62 -2.08 -18.50
C SER C 148 -5.31 -2.08 -17.74
N GLU C 149 -5.35 -1.68 -16.46
CA GLU C 149 -4.13 -1.56 -15.67
C GLU C 149 -3.43 -2.90 -15.57
N LEU C 150 -4.19 -3.93 -15.19
CA LEU C 150 -3.63 -5.28 -15.04
C LEU C 150 -3.16 -5.83 -16.39
N LYS C 151 -3.96 -5.64 -17.42
CA LYS C 151 -3.55 -6.00 -18.76
C LYS C 151 -2.24 -5.31 -19.18
N GLU C 152 -2.18 -3.99 -19.09
CA GLU C 152 -0.94 -3.26 -19.36
C GLU C 152 0.21 -3.86 -18.59
N ASN C 153 -0.09 -4.27 -17.36
CA ASN C 153 0.92 -4.78 -16.45
C ASN C 153 1.51 -6.09 -16.95
N PHE C 154 0.62 -6.93 -17.47
CA PHE C 154 0.99 -8.23 -17.99
C PHE C 154 1.83 -8.08 -19.24
N ILE C 155 1.39 -7.17 -20.13
CA ILE C 155 2.14 -6.85 -21.34
C ILE C 155 3.55 -6.36 -20.99
N ARG C 156 3.65 -5.45 -20.03
CA ARG C 156 4.94 -4.90 -19.64
C ARG C 156 5.85 -5.99 -19.09
N PHE C 157 5.29 -6.89 -18.27
CA PHE C 157 6.07 -7.98 -17.67
C PHE C 157 6.55 -8.97 -18.73
N SER C 158 5.62 -9.45 -19.55
CA SER C 158 5.97 -10.35 -20.64
C SER C 158 7.13 -9.79 -21.45
N LYS C 159 7.01 -8.52 -21.85
CA LYS C 159 8.07 -7.87 -22.59
C LYS C 159 9.39 -7.88 -21.83
N SER C 160 9.33 -7.65 -20.52
CA SER C 160 10.54 -7.65 -19.70
C SER C 160 11.23 -9.01 -19.71
N LEU C 161 10.48 -10.06 -20.07
CA LEU C 161 11.03 -11.40 -20.25
C LEU C 161 11.43 -11.67 -21.71
N GLY C 162 11.25 -10.67 -22.56
CA GLY C 162 11.78 -10.71 -23.92
C GLY C 162 10.78 -11.16 -24.96
N LEU C 163 9.49 -11.12 -24.63
CA LEU C 163 8.44 -11.53 -25.57
C LEU C 163 7.93 -10.32 -26.34
N PRO C 164 7.82 -10.44 -27.67
CA PRO C 164 7.29 -9.34 -28.47
C PRO C 164 5.77 -9.40 -28.50
N GLU C 165 5.12 -8.32 -28.94
CA GLU C 165 3.67 -8.19 -28.83
C GLU C 165 2.92 -9.39 -29.39
N ASN C 166 3.40 -9.95 -30.49
CA ASN C 166 2.65 -11.03 -31.14
C ASN C 166 2.80 -12.37 -30.43
N HIS C 167 3.57 -12.40 -29.36
CA HIS C 167 3.59 -13.56 -28.45
C HIS C 167 2.80 -13.33 -27.16
N ILE C 168 1.90 -12.34 -27.18
CA ILE C 168 1.09 -12.00 -26.03
C ILE C 168 -0.37 -11.97 -26.46
N VAL C 169 -1.18 -12.87 -25.90
CA VAL C 169 -2.55 -13.06 -26.36
C VAL C 169 -3.57 -12.85 -25.25
N PHE C 170 -4.74 -12.33 -25.62
CA PHE C 170 -5.84 -12.12 -24.69
C PHE C 170 -7.05 -12.94 -25.13
N PRO C 171 -7.14 -14.20 -24.66
CA PRO C 171 -8.24 -15.09 -25.00
C PRO C 171 -9.61 -14.42 -24.98
N VAL C 172 -10.44 -14.73 -25.96
CA VAL C 172 -11.77 -14.16 -26.08
C VAL C 172 -12.68 -14.87 -25.07
N PRO C 173 -13.38 -14.10 -24.23
CA PRO C 173 -14.33 -14.71 -23.31
C PRO C 173 -15.37 -15.56 -24.02
N ILE C 174 -15.65 -16.75 -23.48
CA ILE C 174 -16.72 -17.61 -23.98
C ILE C 174 -17.50 -18.18 -22.81
N ASP C 175 -18.67 -18.76 -23.10
CA ASP C 175 -19.50 -19.38 -22.07
C ASP C 175 -19.41 -20.90 -22.13
N GLN C 176 -18.89 -21.39 -23.25
CA GLN C 176 -18.77 -22.82 -23.48
C GLN C 176 -17.80 -23.44 -22.49
N CYS C 177 -18.37 -24.25 -21.60
CA CYS C 177 -17.64 -25.26 -20.83
C CYS C 177 -16.72 -24.83 -19.70
N ILE C 178 -16.37 -23.55 -19.65
CA ILE C 178 -15.57 -23.02 -18.57
C ILE C 178 -16.42 -22.34 -17.51
N ASP C 179 -17.72 -22.23 -17.80
CA ASP C 179 -18.65 -21.40 -17.03
C ASP C 179 -18.25 -19.92 -17.12
#